data_3P9Z
#
_entry.id   3P9Z
#
_cell.length_a   55.407
_cell.length_b   57.676
_cell.length_c   74.624
_cell.angle_alpha   90.00
_cell.angle_beta   90.00
_cell.angle_gamma   90.00
#
_symmetry.space_group_name_H-M   'P 21 21 21'
#
loop_
_entity.id
_entity.type
_entity.pdbx_description
1 polymer 'Uroporphyrinogen III cosynthase (HemD)'
2 non-polymer 'MALONATE ION'
3 water water
#
_entity_poly.entity_id   1
_entity_poly.type   'polypeptide(L)'
_entity_poly.pdbx_seq_one_letter_code
;SNA(MSE)REIVWVHSQRIAPYKTLILNEFCYYPLELDPTPFNALIFTSKNAVFSLLETLKNSPKLK(MSE)LQNIPAYA
LSEPTAKTLQDHHFKVAF(MSE)GEKAHGKEFVQEIFPLLEKKSVLYLRAKEIVSSLDTILLEHGIDFKQAVVYENKLKH
LTLSEQNALKPKEKSILIFTAISHAKAFLHYFEFLENYTAISIGNTTALYLQEQGIPSYIAKKPSLEACLELALSLRIKE
C
;
_entity_poly.pdbx_strand_id   A
#
loop_
_chem_comp.id
_chem_comp.type
_chem_comp.name
_chem_comp.formula
MLI non-polymer 'MALONATE ION' 'C3 H2 O4 -2'
#
# COMPACT_ATOMS: atom_id res chain seq x y z
N MSE A 4 4.70 26.86 17.86
CA MSE A 4 4.62 26.18 16.56
C MSE A 4 4.17 24.73 16.75
O MSE A 4 4.66 24.01 17.63
CB MSE A 4 5.98 26.21 15.86
CG MSE A 4 5.97 25.59 14.48
SE MSE A 4 7.55 26.02 13.41
CE MSE A 4 7.19 27.94 13.13
N ARG A 5 3.22 24.31 15.91
CA ARG A 5 2.61 22.98 16.03
C ARG A 5 3.52 21.90 15.42
N GLU A 6 3.58 20.73 16.06
CA GLU A 6 4.36 19.59 15.57
C GLU A 6 3.66 18.88 14.42
N ILE A 7 4.39 18.58 13.36
CA ILE A 7 3.88 17.83 12.22
C ILE A 7 4.29 16.35 12.34
N VAL A 8 3.29 15.46 12.39
CA VAL A 8 3.50 14.03 12.54
C VAL A 8 2.92 13.22 11.36
N TRP A 9 3.75 12.39 10.75
CA TRP A 9 3.34 11.50 9.67
C TRP A 9 2.82 10.19 10.27
N VAL A 10 1.66 9.76 9.80
CA VAL A 10 1.10 8.47 10.15
C VAL A 10 1.08 7.72 8.83
N HIS A 11 2.06 6.84 8.65
CA HIS A 11 2.49 6.40 7.33
C HIS A 11 3.33 5.10 7.48
N SER A 12 3.77 4.54 6.36
CA SER A 12 4.47 3.24 6.40
C SER A 12 6.00 3.35 6.50
N GLN A 13 6.52 4.56 6.32
CA GLN A 13 7.95 4.79 6.27
C GLN A 13 8.31 6.09 6.92
N ARG A 14 9.47 6.13 7.56
CA ARG A 14 9.96 7.32 8.24
C ARG A 14 10.24 8.42 7.22
N ILE A 15 9.77 9.62 7.53
CA ILE A 15 10.07 10.80 6.73
C ILE A 15 10.90 11.74 7.63
N ALA A 16 12.22 11.55 7.60
CA ALA A 16 13.19 12.34 8.39
C ALA A 16 13.17 13.79 7.95
N PRO A 17 13.27 14.75 8.89
CA PRO A 17 13.45 14.59 10.34
C PRO A 17 12.11 14.60 11.09
N TYR A 18 11.00 14.42 10.37
CA TYR A 18 9.68 14.55 11.00
C TYR A 18 9.35 13.32 11.83
N LYS A 19 8.73 13.53 12.98
CA LYS A 19 8.15 12.43 13.75
C LYS A 19 7.23 11.60 12.83
N THR A 20 7.41 10.29 12.85
CA THR A 20 6.57 9.39 12.07
C THR A 20 6.04 8.22 12.92
N LEU A 21 4.73 7.99 12.84
CA LEU A 21 4.11 6.86 13.51
C LEU A 21 3.93 5.73 12.49
N ILE A 22 4.65 4.62 12.69
CA ILE A 22 4.52 3.45 11.81
C ILE A 22 3.82 2.39 12.64
N LEU A 23 2.50 2.33 12.47
CA LEU A 23 1.67 1.51 13.34
C LEU A 23 1.25 0.18 12.73
N ASN A 24 1.54 0.00 11.44
CA ASN A 24 1.17 -1.21 10.72
C ASN A 24 2.44 -1.90 10.29
N GLU A 25 2.34 -3.17 9.93
CA GLU A 25 3.47 -3.92 9.40
C GLU A 25 3.00 -4.94 8.36
N PHE A 26 3.87 -5.24 7.43
CA PHE A 26 3.56 -6.15 6.35
C PHE A 26 4.00 -7.55 6.72
N CYS A 27 3.09 -8.49 6.51
CA CYS A 27 3.41 -9.88 6.75
CA CYS A 27 3.35 -9.89 6.76
C CYS A 27 3.40 -10.62 5.41
N TYR A 28 4.45 -11.41 5.18
CA TYR A 28 4.64 -12.09 3.91
C TYR A 28 4.26 -13.56 3.94
N TYR A 29 3.58 -14.01 2.89
CA TYR A 29 3.16 -15.41 2.73
C TYR A 29 3.78 -16.01 1.48
N PRO A 30 4.44 -17.16 1.63
CA PRO A 30 5.05 -17.81 0.46
C PRO A 30 4.03 -18.12 -0.63
N LEU A 31 4.46 -18.02 -1.88
CA LEU A 31 3.64 -18.43 -3.00
C LEU A 31 3.77 -19.95 -3.16
N GLU A 32 2.66 -20.64 -2.89
CA GLU A 32 2.60 -22.10 -2.90
C GLU A 32 2.28 -22.63 -4.30
N LEU A 33 1.46 -21.87 -5.04
CA LEU A 33 1.02 -22.19 -6.39
C LEU A 33 2.17 -22.42 -7.39
N ASP A 34 1.99 -23.38 -8.29
CA ASP A 34 2.86 -23.57 -9.44
C ASP A 34 2.50 -22.49 -10.48
N PRO A 35 3.47 -21.61 -10.84
CA PRO A 35 3.13 -20.57 -11.83
C PRO A 35 3.18 -21.00 -13.31
N THR A 36 3.50 -22.27 -13.61
CA THR A 36 3.55 -22.81 -14.98
C THR A 36 2.36 -22.46 -15.91
N PRO A 37 1.10 -22.54 -15.42
CA PRO A 37 -0.04 -22.20 -16.29
C PRO A 37 -0.18 -20.74 -16.72
N PHE A 38 0.63 -19.84 -16.18
CA PHE A 38 0.40 -18.40 -16.39
C PHE A 38 1.38 -17.70 -17.32
N ASN A 39 0.83 -16.89 -18.24
CA ASN A 39 1.69 -16.06 -19.11
C ASN A 39 1.59 -14.55 -18.85
N ALA A 40 0.91 -14.19 -17.76
CA ALA A 40 0.84 -12.81 -17.31
C ALA A 40 0.71 -12.74 -15.81
N LEU A 41 1.43 -11.82 -15.20
CA LEU A 41 1.25 -11.52 -13.78
C LEU A 41 0.68 -10.11 -13.66
N ILE A 42 -0.09 -9.88 -12.60
CA ILE A 42 -0.51 -8.52 -12.32
C ILE A 42 -0.34 -8.17 -10.85
N PHE A 43 0.14 -6.95 -10.62
CA PHE A 43 0.40 -6.39 -9.31
C PHE A 43 -0.31 -5.05 -9.19
N THR A 44 -0.83 -4.76 -7.99
CA THR A 44 -1.38 -3.45 -7.67
C THR A 44 -0.50 -2.73 -6.65
N SER A 45 0.36 -3.46 -5.95
CA SER A 45 1.23 -2.86 -4.92
C SER A 45 2.68 -3.32 -5.03
N LYS A 46 3.62 -2.44 -4.71
CA LYS A 46 5.02 -2.83 -4.59
C LYS A 46 5.24 -3.88 -3.48
N ASN A 47 4.32 -3.94 -2.53
CA ASN A 47 4.48 -4.87 -1.40
C ASN A 47 4.37 -6.33 -1.79
N ALA A 48 3.60 -6.60 -2.84
CA ALA A 48 3.51 -7.94 -3.42
C ALA A 48 4.82 -8.31 -4.14
N VAL A 49 5.48 -7.33 -4.75
CA VAL A 49 6.80 -7.57 -5.33
C VAL A 49 7.83 -7.90 -4.24
N PHE A 50 7.88 -7.09 -3.18
CA PHE A 50 8.83 -7.30 -2.08
C PHE A 50 8.62 -8.63 -1.38
N SER A 51 7.36 -9.03 -1.24
CA SER A 51 7.00 -10.31 -0.68
C SER A 51 7.62 -11.44 -1.50
N LEU A 52 7.46 -11.41 -2.82
CA LEU A 52 8.04 -12.46 -3.68
C LEU A 52 9.56 -12.53 -3.55
N LEU A 53 10.22 -11.37 -3.65
CA LEU A 53 11.66 -11.27 -3.45
C LEU A 53 12.18 -11.91 -2.15
N GLU A 54 11.45 -11.73 -1.05
CA GLU A 54 11.87 -12.27 0.25
C GLU A 54 11.57 -13.74 0.45
N THR A 55 10.31 -14.15 0.24
CA THR A 55 9.91 -15.52 0.53
C THR A 55 10.49 -16.53 -0.47
N LEU A 56 10.90 -16.03 -1.64
CA LEU A 56 11.39 -16.90 -2.73
C LEU A 56 12.82 -16.59 -3.16
N LYS A 57 13.57 -15.84 -2.35
CA LYS A 57 14.95 -15.44 -2.67
C LYS A 57 15.80 -16.64 -3.11
N ASN A 58 16.51 -16.47 -4.22
CA ASN A 58 17.35 -17.51 -4.85
C ASN A 58 16.62 -18.77 -5.33
N SER A 59 15.30 -18.83 -5.14
CA SER A 59 14.51 -20.00 -5.54
CA SER A 59 14.52 -20.01 -5.55
C SER A 59 14.33 -20.06 -7.05
N PRO A 60 14.24 -21.28 -7.62
CA PRO A 60 13.91 -21.31 -9.05
C PRO A 60 12.50 -20.76 -9.33
N LYS A 61 11.60 -20.80 -8.34
CA LYS A 61 10.26 -20.27 -8.52
C LYS A 61 10.28 -18.76 -8.79
N LEU A 62 11.18 -18.04 -8.12
CA LEU A 62 11.34 -16.62 -8.34
C LEU A 62 11.86 -16.31 -9.74
N LYS A 63 12.84 -17.07 -10.21
CA LYS A 63 13.36 -16.90 -11.57
C LYS A 63 12.22 -17.08 -12.58
N MSE A 64 11.41 -18.13 -12.42
CA MSE A 64 10.24 -18.36 -13.27
CA MSE A 64 10.28 -18.32 -13.33
C MSE A 64 9.34 -17.12 -13.31
O MSE A 64 8.92 -16.66 -14.36
CB MSE A 64 9.43 -19.57 -12.76
CB MSE A 64 9.48 -19.62 -13.10
CG MSE A 64 10.14 -20.93 -12.85
CG MSE A 64 8.32 -19.76 -14.12
SE MSE A 64 9.24 -22.30 -11.77
SE MSE A 64 7.02 -21.20 -13.87
CE MSE A 64 10.54 -23.76 -11.96
CE MSE A 64 7.79 -22.51 -15.12
N LEU A 65 9.01 -16.64 -12.11
CA LEU A 65 8.15 -15.46 -11.95
C LEU A 65 8.75 -14.20 -12.59
N GLN A 66 10.06 -14.04 -12.49
CA GLN A 66 10.74 -12.91 -13.10
C GLN A 66 10.76 -13.03 -14.63
N ASN A 67 10.38 -14.20 -15.12
CA ASN A 67 10.35 -14.49 -16.55
C ASN A 67 8.97 -14.36 -17.19
N ILE A 68 7.94 -14.16 -16.38
CA ILE A 68 6.56 -14.07 -16.87
C ILE A 68 6.17 -12.60 -17.02
N PRO A 69 5.78 -12.19 -18.23
CA PRO A 69 5.43 -10.76 -18.43
C PRO A 69 4.49 -10.23 -17.32
N ALA A 70 4.90 -9.11 -16.72
CA ALA A 70 4.23 -8.52 -15.56
C ALA A 70 3.57 -7.18 -15.92
N TYR A 71 2.34 -7.02 -15.45
CA TYR A 71 1.54 -5.82 -15.65
C TYR A 71 1.33 -5.16 -14.29
N ALA A 72 1.19 -3.84 -14.31
CA ALA A 72 0.95 -3.11 -13.08
C ALA A 72 -0.06 -2.00 -13.34
N LEU A 73 -0.71 -1.55 -12.28
CA LEU A 73 -1.78 -0.60 -12.44
C LEU A 73 -1.32 0.84 -12.27
N SER A 74 -0.15 1.02 -11.68
CA SER A 74 0.40 2.35 -11.48
C SER A 74 1.86 2.35 -11.86
N GLU A 75 2.38 3.55 -12.16
CA GLU A 75 3.78 3.71 -12.55
C GLU A 75 4.78 3.26 -11.47
N PRO A 76 4.56 3.65 -10.19
CA PRO A 76 5.44 3.21 -9.10
C PRO A 76 5.57 1.70 -9.01
N THR A 77 4.47 0.97 -9.16
CA THR A 77 4.52 -0.49 -9.11
C THR A 77 5.30 -1.02 -10.31
N ALA A 78 5.05 -0.47 -11.49
CA ALA A 78 5.82 -0.80 -12.70
C ALA A 78 7.31 -0.55 -12.51
N LYS A 79 7.67 0.62 -11.97
CA LYS A 79 9.08 0.90 -11.68
C LYS A 79 9.70 -0.09 -10.68
N THR A 80 8.95 -0.42 -9.64
CA THR A 80 9.44 -1.41 -8.66
C THR A 80 9.71 -2.78 -9.29
N LEU A 81 8.79 -3.22 -10.15
CA LEU A 81 8.99 -4.45 -10.90
C LEU A 81 10.24 -4.37 -11.77
N GLN A 82 10.36 -3.25 -12.48
CA GLN A 82 11.45 -3.00 -13.40
C GLN A 82 12.79 -3.01 -12.65
N ASP A 83 12.84 -2.26 -11.56
CA ASP A 83 14.03 -2.15 -10.72
C ASP A 83 14.46 -3.47 -10.11
N HIS A 84 13.54 -4.40 -9.92
CA HIS A 84 13.90 -5.65 -9.27
C HIS A 84 13.92 -6.87 -10.19
N HIS A 85 14.21 -6.64 -11.47
CA HIS A 85 14.53 -7.70 -12.45
C HIS A 85 13.35 -8.56 -12.91
N PHE A 86 12.13 -8.04 -12.75
CA PHE A 86 10.97 -8.72 -13.32
C PHE A 86 10.87 -8.33 -14.78
N LYS A 87 10.23 -9.17 -15.57
CA LYS A 87 9.92 -8.91 -16.96
C LYS A 87 8.66 -8.04 -17.08
N VAL A 88 8.84 -6.76 -17.36
CA VAL A 88 7.69 -5.86 -17.47
C VAL A 88 7.10 -5.86 -18.89
N ALA A 89 5.81 -6.16 -19.01
CA ALA A 89 5.16 -6.20 -20.30
C ALA A 89 5.00 -4.83 -20.93
N PHE A 90 4.99 -4.81 -22.27
CA PHE A 90 4.66 -3.64 -23.07
C PHE A 90 3.26 -3.14 -22.68
N MSE A 91 3.15 -1.89 -22.25
CA MSE A 91 1.84 -1.34 -21.86
C MSE A 91 1.42 -0.10 -22.67
O MSE A 91 0.52 0.63 -22.25
CB MSE A 91 1.77 -1.09 -20.34
CG MSE A 91 1.54 -2.35 -19.50
SE MSE A 91 1.83 -2.11 -17.55
CE MSE A 91 3.77 -1.90 -17.54
N GLY A 92 2.06 0.10 -23.81
CA GLY A 92 1.71 1.15 -24.70
C GLY A 92 2.51 2.42 -24.57
N GLU A 93 2.35 3.28 -25.54
CA GLU A 93 2.98 4.56 -25.57
C GLU A 93 2.20 5.51 -24.70
N GLU A 103 -7.34 0.30 -19.53
CA GLU A 103 -6.68 0.20 -20.76
C GLU A 103 -5.62 -0.84 -20.83
N ILE A 104 -5.24 -1.42 -19.70
CA ILE A 104 -4.42 -2.62 -19.82
C ILE A 104 -5.30 -3.85 -19.92
N PHE A 105 -6.57 -3.72 -19.68
CA PHE A 105 -7.40 -4.88 -19.66
C PHE A 105 -7.47 -5.60 -20.99
N PRO A 106 -7.45 -4.85 -22.06
CA PRO A 106 -7.40 -5.42 -23.39
C PRO A 106 -6.14 -6.19 -23.65
N LEU A 107 -5.06 -5.79 -23.04
CA LEU A 107 -3.78 -6.50 -23.18
C LEU A 107 -3.83 -7.82 -22.45
N LEU A 108 -4.77 -7.94 -21.51
CA LEU A 108 -4.90 -9.15 -20.70
C LEU A 108 -5.93 -10.13 -21.25
N GLU A 109 -6.69 -9.70 -22.24
CA GLU A 109 -7.66 -10.57 -22.90
C GLU A 109 -6.88 -11.71 -23.54
N LYS A 110 -7.43 -12.92 -23.44
CA LYS A 110 -6.81 -14.13 -23.99
C LYS A 110 -5.54 -14.58 -23.26
N LYS A 111 -5.27 -14.02 -22.07
CA LYS A 111 -4.13 -14.41 -21.25
C LYS A 111 -4.55 -15.20 -20.00
N SER A 112 -3.66 -16.05 -19.49
CA SER A 112 -3.81 -16.67 -18.15
C SER A 112 -3.05 -15.84 -17.12
N VAL A 113 -3.79 -15.14 -16.27
CA VAL A 113 -3.25 -14.12 -15.38
C VAL A 113 -3.18 -14.57 -13.91
N LEU A 114 -2.04 -14.27 -13.29
CA LEU A 114 -1.87 -14.52 -11.88
C LEU A 114 -1.76 -13.18 -11.18
N TYR A 115 -2.73 -12.92 -10.32
CA TYR A 115 -2.76 -11.68 -9.54
C TYR A 115 -2.10 -11.91 -8.17
N LEU A 116 -0.97 -11.27 -7.93
CA LEU A 116 -0.28 -11.39 -6.64
C LEU A 116 -0.76 -10.24 -5.76
N ARG A 117 -1.50 -10.60 -4.70
CA ARG A 117 -2.35 -9.61 -4.04
C ARG A 117 -2.24 -9.57 -2.51
N ALA A 118 -2.84 -8.52 -1.93
CA ALA A 118 -3.04 -8.39 -0.50
C ALA A 118 -4.18 -9.27 -0.02
N LYS A 119 -4.11 -9.66 1.24
CA LYS A 119 -5.18 -10.43 1.88
C LYS A 119 -6.43 -9.58 1.99
N GLU A 120 -6.22 -8.31 2.32
CA GLU A 120 -7.34 -7.41 2.57
C GLU A 120 -7.91 -6.91 1.26
N ILE A 121 -9.21 -6.60 1.29
CA ILE A 121 -9.94 -6.12 0.15
C ILE A 121 -9.78 -4.61 0.08
N VAL A 122 -9.09 -4.13 -0.95
CA VAL A 122 -8.90 -2.69 -1.12
C VAL A 122 -9.56 -2.21 -2.42
N SER A 123 -8.93 -2.49 -3.57
CA SER A 123 -9.47 -2.11 -4.86
C SER A 123 -10.48 -3.11 -5.46
N SER A 124 -10.58 -4.28 -4.84
CA SER A 124 -11.23 -5.47 -5.44
C SER A 124 -11.04 -5.58 -6.96
N LEU A 125 -9.77 -5.61 -7.37
CA LEU A 125 -9.43 -5.82 -8.77
C LEU A 125 -9.97 -7.17 -9.28
N ASP A 126 -10.17 -8.12 -8.38
CA ASP A 126 -10.74 -9.42 -8.76
C ASP A 126 -12.12 -9.29 -9.40
N THR A 127 -12.96 -8.38 -8.88
CA THR A 127 -14.29 -8.14 -9.46
C THR A 127 -14.13 -7.45 -10.82
N ILE A 128 -13.27 -6.44 -10.87
CA ILE A 128 -12.96 -5.73 -12.11
C ILE A 128 -12.46 -6.68 -13.23
N LEU A 129 -11.55 -7.58 -12.87
CA LEU A 129 -11.07 -8.59 -13.81
C LEU A 129 -12.19 -9.52 -14.28
N LEU A 130 -12.96 -10.05 -13.32
CA LEU A 130 -14.12 -10.89 -13.62
C LEU A 130 -15.10 -10.17 -14.55
N GLU A 131 -15.36 -8.88 -14.29
CA GLU A 131 -16.24 -8.09 -15.14
C GLU A 131 -15.70 -7.94 -16.57
N HIS A 132 -14.38 -7.92 -16.72
CA HIS A 132 -13.79 -7.81 -18.06
C HIS A 132 -13.61 -9.17 -18.75
N GLY A 133 -14.06 -10.24 -18.11
CA GLY A 133 -13.95 -11.61 -18.64
C GLY A 133 -12.51 -12.10 -18.80
N ILE A 134 -11.64 -11.73 -17.84
CA ILE A 134 -10.24 -12.14 -17.85
C ILE A 134 -10.09 -13.47 -17.10
N ASP A 135 -9.35 -14.40 -17.71
CA ASP A 135 -9.00 -15.69 -17.11
C ASP A 135 -7.88 -15.45 -16.09
N PHE A 136 -8.22 -15.47 -14.81
CA PHE A 136 -7.25 -15.15 -13.76
C PHE A 136 -7.37 -16.05 -12.51
N LYS A 137 -6.25 -16.23 -11.83
CA LYS A 137 -6.20 -16.75 -10.47
C LYS A 137 -5.57 -15.68 -9.55
N GLN A 138 -5.91 -15.74 -8.27
CA GLN A 138 -5.38 -14.82 -7.25
C GLN A 138 -4.60 -15.60 -6.23
N ALA A 139 -3.46 -15.06 -5.80
CA ALA A 139 -2.77 -15.60 -4.63
C ALA A 139 -2.40 -14.45 -3.70
N VAL A 140 -2.81 -14.60 -2.44
CA VAL A 140 -2.49 -13.70 -1.35
C VAL A 140 -1.01 -13.87 -0.94
N VAL A 141 -0.19 -12.84 -1.16
CA VAL A 141 1.21 -12.95 -0.78
C VAL A 141 1.62 -12.00 0.33
N TYR A 142 0.70 -11.13 0.76
CA TYR A 142 0.99 -10.26 1.90
C TYR A 142 -0.27 -9.76 2.58
N GLU A 143 -0.06 -9.28 3.82
CA GLU A 143 -1.11 -8.65 4.59
C GLU A 143 -0.53 -7.44 5.32
N ASN A 144 -1.29 -6.35 5.32
CA ASN A 144 -0.92 -5.15 6.06
C ASN A 144 -1.65 -5.22 7.38
N LYS A 145 -0.90 -5.39 8.45
CA LYS A 145 -1.44 -5.78 9.74
C LYS A 145 -1.08 -4.77 10.84
N LEU A 146 -2.00 -4.58 11.78
CA LEU A 146 -1.76 -3.73 12.96
C LEU A 146 -0.61 -4.24 13.83
N LYS A 147 0.33 -3.36 14.17
CA LYS A 147 1.40 -3.72 15.12
C LYS A 147 0.85 -3.97 16.52
N HIS A 148 1.50 -4.85 17.26
CA HIS A 148 1.17 -5.10 18.66
C HIS A 148 2.17 -4.27 19.44
N LEU A 149 1.77 -3.10 19.89
CA LEU A 149 2.69 -2.20 20.61
C LEU A 149 2.57 -2.32 22.12
N THR A 150 3.71 -2.36 22.79
CA THR A 150 3.76 -2.38 24.24
C THR A 150 3.32 -1.02 24.79
N LEU A 151 3.00 -0.97 26.08
CA LEU A 151 2.61 0.28 26.72
C LEU A 151 3.67 1.34 26.52
N SER A 152 4.92 0.94 26.77
CA SER A 152 6.05 1.82 26.63
C SER A 152 6.19 2.38 25.22
N GLU A 153 6.04 1.52 24.21
CA GLU A 153 6.06 1.93 22.80
C GLU A 153 4.95 2.95 22.51
N GLN A 154 3.76 2.73 23.07
CA GLN A 154 2.63 3.63 22.88
C GLN A 154 2.87 5.03 23.42
N ASN A 155 3.40 5.11 24.65
CA ASN A 155 3.68 6.40 25.29
C ASN A 155 4.70 7.22 24.52
N ALA A 156 5.72 6.54 23.98
CA ALA A 156 6.73 7.20 23.12
C ALA A 156 6.15 7.72 21.79
N LEU A 157 5.11 7.07 21.29
CA LEU A 157 4.55 7.45 20.01
C LEU A 157 3.40 8.44 20.10
N LYS A 158 2.85 8.63 21.30
CA LYS A 158 1.69 9.53 21.46
C LYS A 158 2.10 10.93 21.00
N PRO A 159 1.33 11.51 20.06
CA PRO A 159 1.67 12.86 19.57
C PRO A 159 1.57 13.89 20.70
N LYS A 160 2.34 14.96 20.64
CA LYS A 160 2.14 16.07 21.56
C LYS A 160 0.77 16.71 21.25
N GLU A 161 0.21 17.39 22.22
CA GLU A 161 -1.03 18.10 21.99
C GLU A 161 -0.86 19.15 20.88
N LYS A 162 -1.96 19.45 20.18
CA LYS A 162 -2.01 20.40 19.07
C LYS A 162 -1.24 19.97 17.82
N SER A 163 -0.73 18.73 17.80
CA SER A 163 -0.06 18.14 16.63
C SER A 163 -0.91 18.17 15.38
N ILE A 164 -0.25 18.35 14.25
CA ILE A 164 -0.87 18.13 12.94
C ILE A 164 -0.50 16.71 12.46
N LEU A 165 -1.51 15.89 12.21
CA LEU A 165 -1.31 14.49 11.86
C LEU A 165 -1.66 14.20 10.40
N ILE A 166 -0.66 13.69 9.67
CA ILE A 166 -0.82 13.37 8.25
C ILE A 166 -1.13 11.89 8.05
N PHE A 167 -2.36 11.60 7.62
CA PHE A 167 -2.77 10.22 7.34
C PHE A 167 -2.65 9.90 5.85
N THR A 168 -1.83 8.89 5.53
CA THR A 168 -1.50 8.61 4.13
C THR A 168 -2.29 7.45 3.54
N ALA A 169 -3.13 6.80 4.36
CA ALA A 169 -4.00 5.70 3.92
C ALA A 169 -4.99 5.41 5.03
N ILE A 170 -6.09 4.73 4.70
CA ILE A 170 -7.07 4.30 5.69
C ILE A 170 -6.46 3.42 6.78
N SER A 171 -5.63 2.46 6.40
CA SER A 171 -5.04 1.53 7.37
C SER A 171 -4.34 2.31 8.49
N HIS A 172 -3.68 3.41 8.13
CA HIS A 172 -2.99 4.26 9.09
C HIS A 172 -3.91 5.03 10.04
N ALA A 173 -5.00 5.58 9.49
CA ALA A 173 -6.04 6.19 10.30
C ALA A 173 -6.65 5.18 11.27
N LYS A 174 -7.01 4.01 10.76
CA LYS A 174 -7.57 2.93 11.55
C LYS A 174 -6.64 2.55 12.72
N ALA A 175 -5.36 2.33 12.42
CA ALA A 175 -4.40 1.93 13.43
C ALA A 175 -4.21 3.04 14.47
N PHE A 176 -4.17 4.29 14.01
CA PHE A 176 -4.03 5.39 14.93
C PHE A 176 -5.17 5.38 15.94
N LEU A 177 -6.40 5.29 15.44
CA LEU A 177 -7.59 5.36 16.29
C LEU A 177 -7.69 4.15 17.20
N HIS A 178 -7.16 3.01 16.76
CA HIS A 178 -7.05 1.85 17.66
C HIS A 178 -6.29 2.21 18.93
N TYR A 179 -5.21 2.96 18.81
CA TYR A 179 -4.31 3.17 19.95
C TYR A 179 -4.47 4.50 20.69
N PHE A 180 -4.90 5.54 19.99
CA PHE A 180 -4.83 6.88 20.52
C PHE A 180 -6.14 7.63 20.38
N GLU A 181 -6.49 8.36 21.41
CA GLU A 181 -7.61 9.30 21.35
C GLU A 181 -7.28 10.38 20.32
N PHE A 182 -8.25 10.71 19.48
CA PHE A 182 -8.12 11.84 18.62
C PHE A 182 -8.61 13.06 19.39
N LEU A 183 -7.65 13.82 19.90
CA LEU A 183 -7.89 15.05 20.63
C LEU A 183 -8.51 16.09 19.71
N GLU A 184 -9.43 16.87 20.25
CA GLU A 184 -10.08 17.93 19.48
C GLU A 184 -9.05 18.96 18.93
N ASN A 185 -7.96 19.14 19.66
CA ASN A 185 -6.90 20.08 19.26
C ASN A 185 -5.87 19.54 18.24
N TYR A 186 -5.95 18.25 17.91
CA TYR A 186 -5.19 17.73 16.78
C TYR A 186 -5.83 18.28 15.51
N THR A 187 -5.02 18.42 14.46
CA THR A 187 -5.56 18.67 13.12
C THR A 187 -5.15 17.53 12.20
N ALA A 188 -6.15 16.85 11.62
CA ALA A 188 -5.90 15.75 10.68
C ALA A 188 -5.74 16.28 9.25
N ILE A 189 -4.78 15.69 8.55
CA ILE A 189 -4.62 15.88 7.13
C ILE A 189 -4.77 14.53 6.44
N SER A 190 -5.52 14.52 5.33
CA SER A 190 -5.71 13.32 4.56
C SER A 190 -5.06 13.47 3.21
N ILE A 191 -4.39 12.40 2.77
CA ILE A 191 -3.77 12.40 1.44
C ILE A 191 -4.79 12.56 0.30
N GLY A 192 -5.98 11.97 0.48
CA GLY A 192 -7.05 12.04 -0.53
C GLY A 192 -8.37 11.72 0.14
N ASN A 193 -9.47 11.76 -0.63
CA ASN A 193 -10.81 11.68 -0.03
C ASN A 193 -11.17 10.32 0.54
N THR A 194 -10.58 9.24 0.04
CA THR A 194 -10.89 7.93 0.60
C THR A 194 -10.46 7.89 2.07
N THR A 195 -9.29 8.43 2.35
CA THR A 195 -8.80 8.55 3.74
C THR A 195 -9.68 9.52 4.54
N ALA A 196 -9.92 10.68 3.95
CA ALA A 196 -10.71 11.72 4.60
C ALA A 196 -12.13 11.27 4.92
N LEU A 197 -12.75 10.54 4.00
CA LEU A 197 -14.14 10.11 4.19
C LEU A 197 -14.25 8.97 5.19
N TYR A 198 -13.18 8.17 5.29
CA TYR A 198 -13.09 7.19 6.37
C TYR A 198 -13.03 7.90 7.72
N LEU A 199 -12.10 8.84 7.86
CA LEU A 199 -12.02 9.67 9.07
C LEU A 199 -13.35 10.35 9.45
N GLN A 200 -14.03 10.89 8.44
CA GLN A 200 -15.30 11.58 8.68
C GLN A 200 -16.39 10.61 9.16
N GLU A 201 -16.36 9.36 8.67
CA GLU A 201 -17.24 8.30 9.16
C GLU A 201 -17.00 8.08 10.65
N GLN A 202 -15.75 8.26 11.08
CA GLN A 202 -15.38 8.13 12.48
C GLN A 202 -15.67 9.41 13.27
N GLY A 203 -16.25 10.41 12.63
CA GLY A 203 -16.50 11.69 13.30
C GLY A 203 -15.31 12.64 13.33
N ILE A 204 -14.31 12.37 12.50
CA ILE A 204 -13.11 13.19 12.49
C ILE A 204 -12.93 14.02 11.23
N PRO A 205 -12.94 15.35 11.37
CA PRO A 205 -12.70 16.23 10.22
C PRO A 205 -11.21 16.22 9.84
N SER A 206 -10.94 16.50 8.58
CA SER A 206 -9.56 16.65 8.13
C SER A 206 -9.54 17.54 6.89
N TYR A 207 -8.38 18.13 6.65
CA TYR A 207 -8.12 18.83 5.39
C TYR A 207 -7.46 17.87 4.44
N ILE A 208 -7.71 18.06 3.15
CA ILE A 208 -7.20 17.13 2.15
C ILE A 208 -6.14 17.80 1.31
N ALA A 209 -5.02 17.12 1.11
CA ALA A 209 -3.99 17.56 0.15
C ALA A 209 -4.54 17.87 -1.26
N LYS A 210 -3.91 18.82 -1.94
CA LYS A 210 -4.41 19.26 -3.26
C LYS A 210 -4.20 18.24 -4.38
N LYS A 211 -3.23 17.36 -4.17
CA LYS A 211 -2.92 16.19 -5.00
C LYS A 211 -2.62 15.10 -3.99
N PRO A 212 -2.89 13.82 -4.35
CA PRO A 212 -2.62 12.76 -3.37
C PRO A 212 -1.15 12.31 -3.39
N SER A 213 -0.27 13.20 -2.93
CA SER A 213 1.15 12.91 -2.82
C SER A 213 1.62 13.30 -1.42
N LEU A 214 2.72 12.71 -0.97
CA LEU A 214 3.33 13.07 0.31
C LEU A 214 3.75 14.53 0.29
N GLU A 215 4.26 14.98 -0.86
CA GLU A 215 4.69 16.36 -1.03
C GLU A 215 3.56 17.36 -0.80
N ALA A 216 2.42 17.12 -1.41
CA ALA A 216 1.25 17.96 -1.20
C ALA A 216 0.72 17.92 0.24
N CYS A 217 0.87 16.77 0.92
CA CYS A 217 0.50 16.66 2.33
C CYS A 217 1.34 17.58 3.21
N LEU A 218 2.63 17.65 2.91
CA LEU A 218 3.52 18.50 3.69
C LEU A 218 3.26 20.01 3.42
N GLU A 219 3.02 20.37 2.16
CA GLU A 219 2.70 21.76 1.84
C GLU A 219 1.51 22.19 2.69
N LEU A 220 0.46 21.37 2.68
CA LEU A 220 -0.73 21.64 3.47
C LEU A 220 -0.39 21.74 4.97
N ALA A 221 0.34 20.74 5.49
CA ALA A 221 0.74 20.76 6.90
C ALA A 221 1.50 22.02 7.28
N LEU A 222 2.47 22.40 6.45
CA LEU A 222 3.29 23.57 6.73
C LEU A 222 2.50 24.88 6.67
N SER A 223 1.48 24.94 5.82
CA SER A 223 0.63 26.13 5.76
C SER A 223 -0.16 26.32 7.06
N LEU A 224 -0.18 25.30 7.90
CA LEU A 224 -1.00 25.29 9.11
C LEU A 224 -0.17 25.32 10.40
N ARG A 225 1.15 25.24 10.27
CA ARG A 225 2.00 25.08 11.45
C ARG A 225 2.03 26.35 12.32
C1 MLI B . -6.47 -5.79 -3.04
C2 MLI B . -7.75 -5.98 -3.80
C3 MLI B . -5.77 -4.52 -3.51
O6 MLI B . -8.85 -5.87 -3.19
O7 MLI B . -7.70 -6.27 -5.03
O8 MLI B . -4.52 -4.49 -3.49
O9 MLI B . -6.45 -3.56 -3.93
#